data_7AB0
#
_entry.id   7AB0
#
_cell.length_a   91.621
_cell.length_b   91.604
_cell.length_c   71.623
_cell.angle_alpha   90.000
_cell.angle_beta   90.000
_cell.angle_gamma   90.000
#
_symmetry.space_group_name_H-M   'C 2 2 21'
#
loop_
_entity.id
_entity.type
_entity.pdbx_description
1 polymer 'Tyrosine-protein kinase Mer'
2 non-polymer 'CHLORIDE ION'
3 water water
#
_entity_poly.entity_id   1
_entity_poly.type   'polypeptide(L)'
_entity_poly.pdbx_seq_one_letter_code
;GSHMEELQNKLEDVVIDRNLLILGRILGEGEFGSVMEGNLKQEDGTSLKVAVKTMKLDNSSQREIEEFLSEAACMKDFSH
PNVIRLLGVCIEMSSQGIPKPMVILPFMKYGDLHTYLLYSRLETGPRHIPLQTLLRFMVDIALGMEYLSNRNFLHRDLAA
RNCMLRDDMTVCVADFGLSKKIYSGDYYRQGRIAKMPVKWIAIESLADRVYTSKSDVWAFGVTMWEIATRGMTPYPGVQN
HEMYDYLLHGHRLKQPEDCLDELYEIMYSCWRTDPLDRPTFSVLRLQLERLLESLPDV
;
_entity_poly.pdbx_strand_id   A
#
# COMPACT_ATOMS: atom_id res chain seq x y z
N GLY A 1 -28.98 -9.85 10.74
CA GLY A 1 -28.55 -8.88 11.82
C GLY A 1 -27.92 -7.57 11.32
N SER A 2 -27.35 -6.77 12.24
CA SER A 2 -26.62 -5.54 11.90
C SER A 2 -25.38 -5.84 11.05
N HIS A 3 -24.62 -6.85 11.43
CA HIS A 3 -23.43 -7.26 10.66
C HIS A 3 -23.80 -7.61 9.24
N MET A 4 -24.86 -8.41 9.08
CA MET A 4 -25.35 -8.81 7.76
C MET A 4 -25.87 -7.62 6.96
N GLU A 5 -26.63 -6.75 7.64
CA GLU A 5 -27.19 -5.53 7.02
C GLU A 5 -26.12 -4.57 6.56
N GLU A 6 -25.13 -4.34 7.42
CA GLU A 6 -23.96 -3.50 7.14
C GLU A 6 -23.26 -3.98 5.87
N LEU A 7 -23.06 -5.28 5.75
CA LEU A 7 -22.40 -5.86 4.56
C LEU A 7 -23.24 -5.72 3.30
N GLN A 8 -24.55 -5.95 3.42
CA GLN A 8 -25.46 -5.73 2.31
C GLN A 8 -25.42 -4.29 1.80
N ASN A 9 -25.36 -3.33 2.71
CA ASN A 9 -25.30 -1.90 2.33
C ASN A 9 -24.00 -1.63 1.57
N LYS A 10 -22.88 -1.98 2.18
CA LYS A 10 -21.56 -1.84 1.54
C LYS A 10 -21.49 -2.48 0.15
N LEU A 11 -22.16 -3.62 -0.05
CA LEU A 11 -22.23 -4.29 -1.34
C LEU A 11 -22.96 -3.48 -2.39
N GLU A 12 -24.09 -2.91 -1.99
CA GLU A 12 -24.85 -1.99 -2.86
C GLU A 12 -23.97 -0.84 -3.33
N ASP A 13 -23.29 -0.23 -2.36
CA ASP A 13 -22.50 0.97 -2.56
C ASP A 13 -21.26 0.77 -3.46
N VAL A 14 -20.72 -0.45 -3.49
CA VAL A 14 -19.43 -0.66 -4.10
C VAL A 14 -19.49 -0.90 -5.61
N VAL A 15 -20.62 -1.42 -6.10
CA VAL A 15 -20.73 -1.78 -7.51
C VAL A 15 -20.99 -0.54 -8.34
N ILE A 16 -20.31 -0.47 -9.48
CA ILE A 16 -20.51 0.57 -10.49
C ILE A 16 -21.04 -0.10 -11.76
N ASP A 17 -22.17 0.41 -12.27
CA ASP A 17 -22.66 0.14 -13.64
C ASP A 17 -21.56 0.19 -14.67
N ARG A 18 -21.41 -0.87 -15.45
CA ARG A 18 -20.41 -0.96 -16.52
C ARG A 18 -20.53 0.15 -17.58
N ASN A 19 -21.73 0.68 -17.77
CA ASN A 19 -21.96 1.75 -18.74
C ASN A 19 -21.59 3.16 -18.24
N LEU A 20 -21.32 3.33 -16.94
CA LEU A 20 -20.79 4.61 -16.45
C LEU A 20 -19.28 4.72 -16.59
N LEU A 21 -18.67 3.66 -17.13
CA LEU A 21 -17.22 3.57 -17.25
C LEU A 21 -16.80 3.35 -18.70
N ILE A 22 -15.77 4.06 -19.14
CA ILE A 22 -15.08 3.71 -20.39
C ILE A 22 -13.59 3.52 -20.15
N LEU A 23 -13.06 2.47 -20.79
CA LEU A 23 -11.69 2.02 -20.60
C LEU A 23 -10.81 2.57 -21.70
N GLY A 24 -9.58 2.89 -21.34
CA GLY A 24 -8.65 3.53 -22.27
C GLY A 24 -7.45 2.66 -22.52
N ARG A 25 -6.28 3.29 -22.55
CA ARG A 25 -5.04 2.60 -22.83
C ARG A 25 -4.54 1.79 -21.63
N ILE A 26 -3.83 0.72 -21.94
CA ILE A 26 -3.15 -0.07 -20.95
C ILE A 26 -1.91 0.71 -20.51
N LEU A 27 -1.75 0.83 -19.19
CA LEU A 27 -0.62 1.49 -18.56
C LEU A 27 0.38 0.50 -17.96
N GLY A 28 0.00 -0.78 -17.89
CA GLY A 28 0.81 -1.81 -17.26
C GLY A 28 0.07 -3.12 -17.34
N GLU A 29 0.83 -4.21 -17.34
CA GLU A 29 0.29 -5.53 -17.64
C GLU A 29 1.19 -6.64 -17.12
N GLY A 30 0.61 -7.69 -16.53
CA GLY A 30 1.38 -8.77 -15.87
C GLY A 30 0.65 -10.10 -15.74
N GLU A 31 1.23 -11.02 -14.96
CA GLU A 31 0.60 -12.32 -14.68
C GLU A 31 -0.68 -12.16 -13.83
N PHE A 32 -0.65 -11.18 -12.92
CA PHE A 32 -1.80 -10.83 -12.05
C PHE A 32 -2.99 -10.20 -12.79
N GLY A 33 -2.67 -9.35 -13.77
CA GLY A 33 -3.68 -8.64 -14.56
C GLY A 33 -3.17 -7.30 -15.05
N SER A 34 -4.09 -6.37 -15.30
CA SER A 34 -3.78 -5.11 -15.98
C SER A 34 -4.16 -3.85 -15.23
N VAL A 35 -3.54 -2.75 -15.64
CA VAL A 35 -3.93 -1.42 -15.21
C VAL A 35 -4.17 -0.61 -16.48
N MET A 36 -5.37 -0.02 -16.57
CA MET A 36 -5.74 0.83 -17.68
C MET A 36 -6.21 2.18 -17.17
N GLU A 37 -6.02 3.21 -17.98
CA GLU A 37 -6.63 4.51 -17.71
C GLU A 37 -8.10 4.45 -18.16
N GLY A 38 -8.95 5.20 -17.47
CA GLY A 38 -10.38 5.19 -17.74
C GLY A 38 -11.08 6.48 -17.37
N ASN A 39 -12.37 6.53 -17.70
CA ASN A 39 -13.20 7.64 -17.34
C ASN A 39 -14.40 7.08 -16.62
N LEU A 40 -14.80 7.74 -15.53
CA LEU A 40 -15.97 7.35 -14.76
C LEU A 40 -16.97 8.48 -14.81
N LYS A 41 -18.16 8.19 -15.31
CA LYS A 41 -19.23 9.18 -15.26
C LYS A 41 -19.81 9.25 -13.86
N GLN A 42 -19.73 10.43 -13.26
CA GLN A 42 -20.14 10.64 -11.88
C GLN A 42 -21.61 11.07 -11.75
N GLU A 43 -22.07 11.11 -10.49
CA GLU A 43 -23.47 11.43 -10.12
C GLU A 43 -23.86 12.82 -10.57
N ASP A 44 -22.88 13.74 -10.54
CA ASP A 44 -23.07 15.12 -11.00
C ASP A 44 -23.06 15.33 -12.54
N GLY A 45 -23.06 14.26 -13.34
CA GLY A 45 -23.03 14.37 -14.80
C GLY A 45 -21.68 14.57 -15.49
N THR A 46 -20.61 14.85 -14.72
CA THR A 46 -19.25 15.03 -15.23
C THR A 46 -18.43 13.76 -15.09
N SER A 47 -17.42 13.61 -15.95
CA SER A 47 -16.55 12.43 -15.94
C SER A 47 -15.25 12.69 -15.13
N LEU A 48 -14.76 11.63 -14.50
CA LEU A 48 -13.55 11.68 -13.70
C LEU A 48 -12.56 10.72 -14.29
N LYS A 49 -11.29 11.11 -14.34
CA LYS A 49 -10.23 10.20 -14.75
C LYS A 49 -9.99 9.18 -13.66
N VAL A 50 -9.98 7.89 -14.04
CA VAL A 50 -9.75 6.81 -13.10
C VAL A 50 -8.65 5.85 -13.58
N ALA A 51 -8.15 5.07 -12.63
CA ALA A 51 -7.32 3.91 -12.92
C ALA A 51 -8.18 2.69 -12.73
N VAL A 52 -8.07 1.73 -13.64
CA VAL A 52 -8.87 0.51 -13.62
C VAL A 52 -7.93 -0.70 -13.58
N LYS A 53 -7.95 -1.44 -12.46
CA LYS A 53 -7.16 -2.66 -12.32
C LYS A 53 -8.02 -3.90 -12.55
N THR A 54 -7.63 -4.72 -13.51
CA THR A 54 -8.36 -5.93 -13.88
C THR A 54 -7.56 -7.18 -13.46
N MET A 55 -8.24 -8.17 -12.86
CA MET A 55 -7.63 -9.42 -12.37
C MET A 55 -7.85 -10.56 -13.36
N SER A 61 -14.79 -19.34 -9.95
CA SER A 61 -15.97 -19.75 -9.21
C SER A 61 -16.77 -18.54 -8.71
N GLN A 62 -18.09 -18.73 -8.58
CA GLN A 62 -19.01 -17.72 -8.00
C GLN A 62 -18.58 -17.24 -6.62
N ARG A 63 -18.00 -18.14 -5.82
CA ARG A 63 -17.41 -17.82 -4.51
C ARG A 63 -16.24 -16.84 -4.63
N GLU A 64 -15.32 -17.10 -5.57
CA GLU A 64 -14.19 -16.21 -5.80
C GLU A 64 -14.70 -14.79 -6.18
N ILE A 65 -15.75 -14.72 -7.00
CA ILE A 65 -16.42 -13.44 -7.33
C ILE A 65 -17.04 -12.77 -6.11
N GLU A 66 -17.74 -13.57 -5.32
CA GLU A 66 -18.37 -13.08 -4.11
C GLU A 66 -17.36 -12.59 -3.09
N GLU A 67 -16.20 -13.23 -3.07
CA GLU A 67 -15.14 -12.92 -2.11
C GLU A 67 -14.48 -11.59 -2.44
N PHE A 68 -14.20 -11.43 -3.74
CA PHE A 68 -13.79 -10.17 -4.34
C PHE A 68 -14.78 -9.05 -4.00
N LEU A 69 -16.06 -9.30 -4.25
CA LEU A 69 -17.10 -8.31 -3.98
C LEU A 69 -17.14 -7.89 -2.51
N SER A 70 -17.08 -8.87 -1.63
CA SER A 70 -17.13 -8.62 -0.19
C SER A 70 -15.91 -7.81 0.28
N GLU A 71 -14.74 -8.24 -0.16
CA GLU A 71 -13.47 -7.60 0.18
C GLU A 71 -13.49 -6.14 -0.30
N ALA A 72 -13.85 -5.96 -1.56
CA ALA A 72 -14.04 -4.63 -2.16
C ALA A 72 -15.05 -3.80 -1.38
N ALA A 73 -16.18 -4.40 -1.01
CA ALA A 73 -17.18 -3.70 -0.18
C ALA A 73 -16.55 -3.10 1.09
N CYS A 74 -15.74 -3.92 1.77
CA CYS A 74 -15.05 -3.48 2.98
C CYS A 74 -14.06 -2.34 2.71
N MET A 75 -13.25 -2.53 1.67
CA MET A 75 -12.23 -1.56 1.29
C MET A 75 -12.78 -0.21 0.90
N LYS A 76 -13.91 -0.17 0.19
CA LYS A 76 -14.57 1.09 -0.14
C LYS A 76 -15.01 1.84 1.10
N ASP A 77 -15.41 1.10 2.12
CA ASP A 77 -15.85 1.73 3.34
C ASP A 77 -14.74 2.52 4.07
N PHE A 78 -13.47 2.15 3.88
CA PHE A 78 -12.35 2.93 4.47
C PHE A 78 -12.46 4.38 4.07
N SER A 79 -12.27 5.27 5.04
CA SER A 79 -12.35 6.69 4.79
C SER A 79 -11.27 7.42 5.58
N HIS A 80 -10.11 7.57 4.94
CA HIS A 80 -8.96 8.23 5.52
C HIS A 80 -8.08 8.82 4.40
N PRO A 81 -7.50 10.03 4.60
CA PRO A 81 -6.74 10.65 3.50
C PRO A 81 -5.47 9.89 3.09
N ASN A 82 -4.91 9.13 4.03
CA ASN A 82 -3.76 8.26 3.78
C ASN A 82 -4.08 6.79 3.48
N VAL A 83 -5.32 6.53 3.10
CA VAL A 83 -5.73 5.19 2.64
C VAL A 83 -6.41 5.37 1.31
N ILE A 84 -5.98 4.61 0.30
CA ILE A 84 -6.53 4.81 -1.05
C ILE A 84 -8.07 4.71 -1.05
N ARG A 85 -8.74 5.61 -1.76
CA ARG A 85 -10.19 5.54 -1.83
C ARG A 85 -10.58 4.64 -3.00
N LEU A 86 -11.26 3.55 -2.70
CA LEU A 86 -11.77 2.63 -3.72
C LEU A 86 -13.10 3.20 -4.20
N LEU A 87 -13.18 3.62 -5.46
CA LEU A 87 -14.39 4.26 -5.97
C LEU A 87 -15.48 3.20 -6.22
N GLY A 88 -15.08 1.99 -6.58
CA GLY A 88 -16.04 0.94 -6.77
C GLY A 88 -15.50 -0.17 -7.64
N VAL A 89 -16.37 -1.10 -8.01
CA VAL A 89 -15.97 -2.26 -8.79
C VAL A 89 -16.99 -2.59 -9.86
N CYS A 90 -16.50 -3.21 -10.94
N CYS A 90 -16.52 -3.34 -10.85
CA CYS A 90 -17.35 -3.72 -12.02
CA CYS A 90 -17.29 -3.72 -11.99
C CYS A 90 -16.84 -5.12 -12.32
C CYS A 90 -16.82 -5.11 -12.41
N ILE A 91 -17.77 -6.03 -12.64
CA ILE A 91 -17.40 -7.38 -13.10
C ILE A 91 -17.87 -7.55 -14.53
N GLU A 92 -16.92 -7.52 -15.45
CA GLU A 92 -17.18 -7.77 -16.87
C GLU A 92 -16.82 -9.23 -17.17
N MET A 93 -17.62 -9.92 -17.96
CA MET A 93 -17.38 -11.34 -18.27
C MET A 93 -16.68 -11.50 -19.63
N SER A 94 -15.67 -12.36 -19.69
CA SER A 94 -14.94 -12.59 -20.93
C SER A 94 -15.77 -13.44 -21.90
N SER A 95 -15.38 -13.40 -23.17
CA SER A 95 -16.01 -14.18 -24.25
C SER A 95 -16.00 -15.70 -24.02
N GLN A 96 -14.98 -16.19 -23.30
CA GLN A 96 -14.88 -17.58 -22.85
C GLN A 96 -15.61 -17.87 -21.50
N GLY A 97 -16.41 -16.91 -21.03
CA GLY A 97 -17.18 -17.04 -19.78
C GLY A 97 -16.38 -16.95 -18.49
N ILE A 98 -15.18 -16.38 -18.55
CA ILE A 98 -14.34 -16.17 -17.36
C ILE A 98 -14.72 -14.79 -16.80
N PRO A 99 -14.96 -14.67 -15.47
CA PRO A 99 -15.27 -13.35 -14.92
C PRO A 99 -14.04 -12.44 -14.89
N LYS A 100 -14.23 -11.16 -15.22
CA LYS A 100 -13.15 -10.16 -15.26
C LYS A 100 -13.49 -9.07 -14.24
N PRO A 101 -13.00 -9.21 -12.99
CA PRO A 101 -13.32 -8.23 -11.95
C PRO A 101 -12.43 -6.99 -12.07
N MET A 102 -13.05 -5.82 -12.01
CA MET A 102 -12.35 -4.55 -12.23
C MET A 102 -12.45 -3.69 -10.98
N VAL A 103 -11.32 -3.18 -10.55
CA VAL A 103 -11.25 -2.29 -9.41
C VAL A 103 -11.04 -0.86 -9.94
N ILE A 104 -11.94 0.05 -9.60
CA ILE A 104 -11.85 1.43 -10.03
C ILE A 104 -11.28 2.27 -8.92
N LEU A 105 -10.24 3.04 -9.25
CA LEU A 105 -9.49 3.85 -8.29
C LEU A 105 -9.22 5.26 -8.87
N PRO A 106 -8.91 6.25 -8.02
CA PRO A 106 -8.52 7.57 -8.57
C PRO A 106 -7.24 7.50 -9.39
N PHE A 107 -7.20 8.21 -10.51
CA PHE A 107 -6.03 8.26 -11.32
C PHE A 107 -5.04 9.19 -10.63
N MET A 108 -3.83 8.68 -10.42
CA MET A 108 -2.80 9.40 -9.72
C MET A 108 -1.59 9.55 -10.63
N LYS A 109 -1.48 10.77 -11.19
CA LYS A 109 -0.47 11.11 -12.15
C LYS A 109 0.97 10.93 -11.62
N TYR A 110 1.18 11.10 -10.32
CA TYR A 110 2.50 10.90 -9.71
C TYR A 110 2.84 9.42 -9.45
N GLY A 111 1.87 8.52 -9.57
CA GLY A 111 2.13 7.08 -9.54
C GLY A 111 2.48 6.54 -8.14
N ASP A 112 3.13 5.37 -8.14
CA ASP A 112 3.55 4.72 -6.90
C ASP A 112 4.82 5.40 -6.33
N LEU A 113 5.00 5.23 -5.04
CA LEU A 113 6.06 5.94 -4.32
C LEU A 113 7.43 5.40 -4.69
N HIS A 114 7.51 4.09 -4.98
CA HIS A 114 8.80 3.45 -5.28
C HIS A 114 9.37 4.00 -6.59
N THR A 115 8.56 3.99 -7.63
CA THR A 115 8.98 4.53 -8.92
C THR A 115 9.34 6.02 -8.79
N TYR A 116 8.56 6.75 -8.01
CA TYR A 116 8.77 8.16 -7.83
C TYR A 116 10.14 8.40 -7.21
N LEU A 117 10.50 7.63 -6.19
CA LEU A 117 11.79 7.79 -5.51
C LEU A 117 12.96 7.59 -6.47
N LEU A 118 12.84 6.56 -7.31
CA LEU A 118 13.87 6.27 -8.31
C LEU A 118 13.99 7.40 -9.34
N TYR A 119 12.84 7.90 -9.85
CA TYR A 119 12.83 9.05 -10.80
C TYR A 119 13.50 10.29 -10.23
N SER A 120 13.37 10.49 -8.93
CA SER A 120 13.96 11.64 -8.25
C SER A 120 15.49 11.64 -8.28
N ARG A 121 16.09 10.52 -8.68
CA ARG A 121 17.55 10.41 -8.76
C ARG A 121 18.05 10.58 -10.19
N LEU A 122 17.10 10.89 -11.09
CA LEU A 122 17.35 11.19 -12.47
C LEU A 122 17.04 12.67 -12.71
N GLU A 123 17.73 13.22 -13.70
CA GLU A 123 17.67 14.64 -14.01
C GLU A 123 16.30 15.16 -14.45
N THR A 124 15.60 14.39 -15.27
CA THR A 124 14.27 14.79 -15.77
C THR A 124 13.15 14.64 -14.72
N GLY A 125 13.32 13.70 -13.79
CA GLY A 125 12.32 13.42 -12.77
C GLY A 125 12.16 14.53 -11.74
N PRO A 126 11.37 14.27 -10.68
CA PRO A 126 11.29 15.19 -9.55
C PRO A 126 12.65 15.55 -8.95
N ARG A 127 12.79 16.76 -8.42
CA ARG A 127 14.05 17.20 -7.81
C ARG A 127 14.49 16.28 -6.66
N HIS A 128 15.77 16.36 -6.27
CA HIS A 128 16.25 15.69 -5.06
C HIS A 128 15.23 15.88 -3.94
N ILE A 129 14.75 14.78 -3.36
CA ILE A 129 13.76 14.86 -2.30
C ILE A 129 14.50 15.16 -0.99
N PRO A 130 14.21 16.31 -0.35
CA PRO A 130 14.85 16.59 0.94
C PRO A 130 14.39 15.65 2.06
N LEU A 131 15.28 15.44 3.02
CA LEU A 131 14.99 14.62 4.19
C LEU A 131 13.58 14.84 4.75
N GLN A 132 13.20 16.10 4.96
CA GLN A 132 11.89 16.44 5.55
C GLN A 132 10.69 15.88 4.80
N THR A 133 10.81 15.83 3.48
CA THR A 133 9.77 15.26 2.64
C THR A 133 9.75 13.73 2.71
N LEU A 134 10.92 13.10 2.72
CA LEU A 134 11.01 11.64 2.88
C LEU A 134 10.35 11.15 4.19
N LEU A 135 10.53 11.95 5.23
CA LEU A 135 9.98 11.69 6.54
C LEU A 135 8.47 11.89 6.56
N ARG A 136 8.00 12.96 5.92
CA ARG A 136 6.58 13.19 5.71
C ARG A 136 5.87 12.02 4.99
N PHE A 137 6.53 11.45 3.98
CA PHE A 137 6.05 10.22 3.32
C PHE A 137 5.83 9.11 4.34
N MET A 138 6.77 8.97 5.26
CA MET A 138 6.70 7.95 6.29
C MET A 138 5.57 8.21 7.27
N VAL A 139 5.39 9.47 7.66
CA VAL A 139 4.29 9.85 8.56
C VAL A 139 2.94 9.52 7.91
N ASP A 140 2.78 9.90 6.65
CA ASP A 140 1.57 9.63 5.90
C ASP A 140 1.21 8.15 5.87
N ILE A 141 2.20 7.31 5.59
CA ILE A 141 1.96 5.87 5.53
C ILE A 141 1.61 5.32 6.92
N ALA A 142 2.31 5.81 7.94
CA ALA A 142 2.03 5.48 9.33
C ALA A 142 0.60 5.86 9.69
N LEU A 143 0.17 7.04 9.25
CA LEU A 143 -1.21 7.51 9.48
C LEU A 143 -2.26 6.59 8.85
N GLY A 144 -2.02 6.13 7.63
CA GLY A 144 -2.90 5.19 6.95
C GLY A 144 -2.89 3.83 7.62
N MET A 145 -1.71 3.36 7.98
CA MET A 145 -1.61 2.08 8.66
C MET A 145 -2.20 2.14 10.08
N GLU A 146 -2.07 3.28 10.76
CA GLU A 146 -2.69 3.50 12.05
C GLU A 146 -4.22 3.35 11.95
N TYR A 147 -4.82 4.03 10.98
CA TYR A 147 -6.24 3.90 10.67
C TYR A 147 -6.68 2.45 10.46
N LEU A 148 -6.00 1.75 9.56
CA LEU A 148 -6.34 0.34 9.25
C LEU A 148 -6.24 -0.55 10.49
N SER A 149 -5.17 -0.36 11.24
CA SER A 149 -4.92 -1.12 12.43
C SER A 149 -6.02 -0.89 13.46
N ASN A 150 -6.48 0.35 13.60
CA ASN A 150 -7.58 0.64 14.53
C ASN A 150 -8.87 -0.11 14.22
N ARG A 151 -9.08 -0.46 12.95
CA ARG A 151 -10.19 -1.31 12.55
C ARG A 151 -9.77 -2.77 12.25
N ASN A 152 -8.67 -3.20 12.87
CA ASN A 152 -8.13 -4.56 12.75
C ASN A 152 -8.06 -5.15 11.34
N PHE A 153 -7.82 -4.28 10.35
CA PHE A 153 -7.60 -4.72 9.00
C PHE A 153 -6.09 -4.88 8.79
N LEU A 154 -5.71 -6.03 8.26
CA LEU A 154 -4.33 -6.32 7.91
C LEU A 154 -4.08 -6.01 6.44
N HIS A 155 -2.98 -5.32 6.17
CA HIS A 155 -2.60 -4.92 4.81
C HIS A 155 -2.05 -6.12 4.02
N ARG A 156 -1.03 -6.78 4.59
CA ARG A 156 -0.45 -8.04 4.06
C ARG A 156 0.45 -7.90 2.82
N ASP A 157 0.71 -6.69 2.36
CA ASP A 157 1.59 -6.47 1.19
C ASP A 157 2.10 -5.00 1.18
N LEU A 158 2.53 -4.54 2.33
CA LEU A 158 3.00 -3.19 2.50
C LEU A 158 4.43 -3.13 1.96
N ALA A 159 4.66 -2.14 1.08
CA ALA A 159 5.94 -1.93 0.39
C ALA A 159 5.80 -0.60 -0.30
N ALA A 160 6.90 0.08 -0.61
CA ALA A 160 6.82 1.43 -1.25
C ALA A 160 6.08 1.43 -2.60
N ARG A 161 6.18 0.31 -3.33
CA ARG A 161 5.52 0.12 -4.62
C ARG A 161 3.98 0.08 -4.52
N ASN A 162 3.47 -0.24 -3.31
CA ASN A 162 2.04 -0.27 -3.03
C ASN A 162 1.56 0.95 -2.23
N CYS A 163 2.34 2.01 -2.18
CA CYS A 163 1.91 3.30 -1.63
C CYS A 163 1.81 4.28 -2.81
N MET A 164 0.74 5.07 -2.83
CA MET A 164 0.49 5.94 -3.95
C MET A 164 0.62 7.39 -3.56
N LEU A 165 1.09 8.21 -4.50
CA LEU A 165 1.15 9.67 -4.33
C LEU A 165 -0.05 10.35 -4.98
N ARG A 166 -0.79 11.11 -4.18
CA ARG A 166 -1.96 11.86 -4.65
C ARG A 166 -1.43 13.19 -5.16
N ASP A 167 -2.30 13.96 -5.79
CA ASP A 167 -1.91 15.19 -6.50
C ASP A 167 -1.29 16.24 -5.58
N ASP A 168 -1.69 16.26 -4.32
CA ASP A 168 -1.08 17.17 -3.35
C ASP A 168 0.13 16.57 -2.63
N MET A 169 0.72 15.51 -3.20
CA MET A 169 1.90 14.84 -2.63
C MET A 169 1.69 14.09 -1.30
N THR A 170 0.43 13.88 -0.94
CA THR A 170 0.08 13.06 0.21
C THR A 170 0.24 11.61 -0.24
N VAL A 171 0.80 10.77 0.63
CA VAL A 171 0.93 9.35 0.38
C VAL A 171 -0.23 8.59 1.01
N CYS A 172 -0.75 7.60 0.30
CA CYS A 172 -1.76 6.70 0.83
C CYS A 172 -1.36 5.27 0.58
N VAL A 173 -1.73 4.39 1.51
CA VAL A 173 -1.51 2.96 1.34
C VAL A 173 -2.56 2.37 0.39
N ALA A 174 -2.12 1.42 -0.44
CA ALA A 174 -2.95 0.84 -1.47
C ALA A 174 -2.62 -0.65 -1.61
N ASP A 175 -3.39 -1.33 -2.46
CA ASP A 175 -3.11 -2.71 -2.90
C ASP A 175 -3.11 -3.75 -1.78
N PHE A 176 -4.13 -3.71 -0.94
CA PHE A 176 -4.11 -4.44 0.32
C PHE A 176 -4.17 -5.95 0.06
N PRO A 197 6.88 -11.70 -1.77
CA PRO A 197 7.75 -10.56 -1.56
C PRO A 197 8.57 -10.77 -0.29
N VAL A 198 9.46 -11.76 -0.38
CA VAL A 198 10.15 -12.36 0.79
C VAL A 198 10.81 -11.31 1.69
N LYS A 199 11.43 -10.31 1.08
CA LYS A 199 12.22 -9.32 1.82
C LYS A 199 11.41 -8.28 2.60
N TRP A 200 10.09 -8.32 2.49
CA TRP A 200 9.18 -7.50 3.30
C TRP A 200 8.51 -8.30 4.45
N ILE A 201 8.69 -9.62 4.44
CA ILE A 201 7.97 -10.54 5.32
C ILE A 201 8.70 -10.73 6.65
N ALA A 202 7.98 -10.52 7.74
CA ALA A 202 8.53 -10.68 9.08
C ALA A 202 8.99 -12.11 9.39
N ILE A 203 10.02 -12.19 10.24
CA ILE A 203 10.64 -13.45 10.62
C ILE A 203 9.64 -14.57 11.04
N GLU A 204 8.63 -14.20 11.82
CA GLU A 204 7.64 -15.16 12.30
C GLU A 204 6.71 -15.66 11.19
N SER A 205 6.46 -14.82 10.20
CA SER A 205 5.62 -15.19 9.05
C SER A 205 6.40 -16.05 8.07
N LEU A 206 7.72 -15.87 8.03
CA LEU A 206 8.59 -16.77 7.28
C LEU A 206 8.59 -18.16 7.95
N ALA A 207 8.62 -18.17 9.29
CA ALA A 207 8.68 -19.42 10.08
C ALA A 207 7.35 -20.16 10.21
N ASP A 208 6.38 -19.52 10.89
CA ASP A 208 5.11 -20.15 11.25
C ASP A 208 3.96 -19.77 10.31
N ARG A 209 4.24 -19.16 9.16
CA ARG A 209 3.22 -18.59 8.26
C ARG A 209 2.06 -17.92 9.01
N VAL A 210 2.38 -17.23 10.10
CA VAL A 210 1.41 -16.47 10.91
C VAL A 210 1.68 -14.98 10.67
N TYR A 211 0.60 -14.19 10.59
CA TYR A 211 0.70 -12.80 10.19
C TYR A 211 -0.28 -11.95 10.99
N THR A 212 0.28 -11.00 11.77
CA THR A 212 -0.50 -10.10 12.59
C THR A 212 -0.20 -8.66 12.19
N SER A 213 -0.84 -7.73 12.90
CA SER A 213 -0.59 -6.31 12.75
C SER A 213 0.90 -5.97 12.94
N LYS A 214 1.60 -6.76 13.78
CA LYS A 214 3.03 -6.58 14.03
C LYS A 214 3.90 -7.04 12.86
N SER A 215 3.37 -7.97 12.06
CA SER A 215 3.97 -8.31 10.79
C SER A 215 3.84 -7.13 9.81
N ASP A 216 2.69 -6.45 9.79
CA ASP A 216 2.58 -5.21 8.99
C ASP A 216 3.58 -4.14 9.48
N VAL A 217 3.79 -4.06 10.80
CA VAL A 217 4.78 -3.12 11.36
C VAL A 217 6.19 -3.45 10.83
N TRP A 218 6.53 -4.73 10.76
CA TRP A 218 7.80 -5.16 10.18
C TRP A 218 7.91 -4.65 8.75
N ALA A 219 6.90 -4.94 7.93
CA ALA A 219 6.81 -4.45 6.54
C ALA A 219 6.95 -2.92 6.45
N PHE A 220 6.36 -2.21 7.40
CA PHE A 220 6.47 -0.76 7.44
C PHE A 220 7.91 -0.26 7.65
N GLY A 221 8.66 -0.95 8.52
CA GLY A 221 10.07 -0.65 8.73
C GLY A 221 10.88 -0.82 7.46
N VAL A 222 10.61 -1.90 6.74
CA VAL A 222 11.27 -2.16 5.44
C VAL A 222 10.89 -1.05 4.46
N THR A 223 9.61 -0.70 4.43
CA THR A 223 9.16 0.40 3.61
C THR A 223 9.83 1.74 3.97
N MET A 224 9.97 2.02 5.26
CA MET A 224 10.69 3.22 5.68
C MET A 224 12.13 3.22 5.10
N TRP A 225 12.77 2.05 5.10
CA TRP A 225 14.14 1.87 4.59
C TRP A 225 14.21 2.08 3.07
N GLU A 226 13.21 1.58 2.32
CA GLU A 226 13.07 1.89 0.88
C GLU A 226 13.02 3.39 0.64
N ILE A 227 12.29 4.12 1.48
CA ILE A 227 12.15 5.57 1.32
C ILE A 227 13.48 6.29 1.64
N ALA A 228 14.10 5.95 2.77
CA ALA A 228 15.38 6.52 3.18
C ALA A 228 16.54 6.22 2.22
N THR A 229 16.50 5.06 1.53
CA THR A 229 17.50 4.72 0.51
C THR A 229 17.11 5.23 -0.87
N ARG A 230 15.98 5.94 -0.95
CA ARG A 230 15.43 6.41 -2.21
C ARG A 230 15.23 5.30 -3.25
N GLY A 231 14.75 4.15 -2.79
CA GLY A 231 14.28 3.07 -3.68
C GLY A 231 15.15 1.84 -3.82
N MET A 232 16.19 1.69 -3.00
CA MET A 232 17.02 0.47 -3.02
C MET A 232 16.18 -0.77 -2.74
N THR A 233 16.56 -1.86 -3.36
CA THR A 233 16.00 -3.17 -3.00
C THR A 233 16.56 -3.57 -1.62
N PRO A 234 15.69 -4.01 -0.69
CA PRO A 234 16.19 -4.39 0.64
C PRO A 234 17.27 -5.49 0.64
N TYR A 235 18.21 -5.38 1.56
CA TYR A 235 19.24 -6.41 1.79
C TYR A 235 20.10 -6.64 0.55
N PRO A 236 20.84 -5.61 0.12
CA PRO A 236 21.76 -5.81 -0.99
C PRO A 236 22.77 -6.89 -0.60
N GLY A 237 23.11 -7.77 -1.54
CA GLY A 237 24.04 -8.84 -1.27
C GLY A 237 23.40 -10.11 -0.71
N VAL A 238 22.13 -10.07 -0.34
CA VAL A 238 21.47 -11.22 0.23
C VAL A 238 20.36 -11.68 -0.69
N GLN A 239 20.31 -12.99 -0.95
CA GLN A 239 19.34 -13.54 -1.87
C GLN A 239 18.11 -13.96 -1.11
N ASN A 240 17.00 -14.02 -1.83
CA ASN A 240 15.70 -14.36 -1.25
C ASN A 240 15.68 -15.65 -0.46
N HIS A 241 16.31 -16.70 -0.99
CA HIS A 241 16.32 -17.99 -0.29
C HIS A 241 17.15 -17.96 1.00
N GLU A 242 18.13 -17.06 1.07
CA GLU A 242 18.97 -16.87 2.26
C GLU A 242 18.29 -16.04 3.38
N MET A 243 17.11 -15.46 3.13
CA MET A 243 16.55 -14.45 4.03
C MET A 243 16.19 -14.93 5.43
N TYR A 244 15.51 -16.06 5.51
CA TYR A 244 15.08 -16.58 6.81
C TYR A 244 16.27 -16.78 7.75
N ASP A 245 17.32 -17.43 7.24
CA ASP A 245 18.53 -17.70 8.03
C ASP A 245 19.30 -16.45 8.37
N TYR A 246 19.27 -15.48 7.46
CA TYR A 246 19.94 -14.21 7.66
C TYR A 246 19.34 -13.49 8.87
N LEU A 247 18.02 -13.46 8.90
CA LEU A 247 17.26 -12.86 9.99
C LEU A 247 17.40 -13.70 11.25
N LEU A 248 17.34 -15.02 11.10
CA LEU A 248 17.55 -15.97 12.20
C LEU A 248 18.83 -15.71 13.02
N HIS A 249 19.91 -15.30 12.39
CA HIS A 249 21.15 -14.95 13.10
C HIS A 249 21.21 -13.47 13.50
N GLY A 250 20.05 -12.81 13.58
CA GLY A 250 19.95 -11.46 14.09
C GLY A 250 20.35 -10.31 13.16
N HIS A 251 20.67 -10.61 11.90
CA HIS A 251 20.97 -9.54 10.94
C HIS A 251 19.72 -8.86 10.47
N ARG A 252 19.83 -7.54 10.30
CA ARG A 252 18.74 -6.68 9.84
C ARG A 252 19.22 -5.74 8.73
N LEU A 253 18.29 -4.97 8.17
CA LEU A 253 18.64 -3.92 7.22
C LEU A 253 19.62 -2.96 7.86
N LYS A 254 20.58 -2.50 7.06
CA LYS A 254 21.66 -1.64 7.55
C LYS A 254 21.21 -0.21 7.49
N GLN A 255 21.80 0.61 8.33
CA GLN A 255 21.48 2.02 8.32
C GLN A 255 21.88 2.64 7.00
N PRO A 256 20.91 3.28 6.32
CA PRO A 256 21.29 3.99 5.10
C PRO A 256 22.16 5.21 5.37
N GLU A 257 22.96 5.58 4.38
CA GLU A 257 23.81 6.75 4.47
C GLU A 257 22.90 7.96 4.62
N ASP A 258 23.30 8.91 5.45
CA ASP A 258 22.51 10.14 5.68
C ASP A 258 21.11 9.90 6.27
N CYS A 259 20.88 8.71 6.85
CA CYS A 259 19.67 8.44 7.60
C CYS A 259 19.95 8.83 9.04
N LEU A 260 19.08 9.66 9.63
CA LEU A 260 19.23 10.07 11.03
C LEU A 260 19.30 8.86 11.93
N ASP A 261 20.13 8.96 12.96
CA ASP A 261 20.27 7.85 13.90
C ASP A 261 18.91 7.54 14.55
N GLU A 262 18.17 8.60 14.87
CA GLU A 262 16.86 8.47 15.52
C GLU A 262 15.84 7.81 14.59
N LEU A 263 15.86 8.22 13.31
CA LEU A 263 15.06 7.54 12.30
C LEU A 263 15.41 6.06 12.16
N TYR A 264 16.70 5.74 12.19
CA TYR A 264 17.13 4.34 12.11
C TYR A 264 16.65 3.51 13.30
N GLU A 265 16.69 4.11 14.49
CA GLU A 265 16.19 3.45 15.71
C GLU A 265 14.69 3.13 15.57
N ILE A 266 13.93 4.09 15.05
CA ILE A 266 12.51 3.86 14.78
C ILE A 266 12.27 2.67 13.84
N MET A 267 13.03 2.61 12.74
CA MET A 267 12.82 1.54 11.79
C MET A 267 13.33 0.22 12.35
N TYR A 268 14.43 0.26 13.10
CA TYR A 268 14.97 -0.96 13.73
C TYR A 268 14.01 -1.57 14.74
N SER A 269 13.32 -0.72 15.50
CA SER A 269 12.24 -1.18 16.41
C SER A 269 11.15 -2.00 15.71
N CYS A 270 10.96 -1.76 14.41
CA CYS A 270 9.97 -2.54 13.65
C CYS A 270 10.39 -3.99 13.42
N TRP A 271 11.68 -4.30 13.60
CA TRP A 271 12.20 -5.64 13.27
C TRP A 271 12.63 -6.41 14.51
N ARG A 272 12.09 -6.02 15.66
CA ARG A 272 12.39 -6.74 16.90
C ARG A 272 11.87 -8.16 16.72
N THR A 273 12.67 -9.10 17.21
CA THR A 273 12.45 -10.52 16.98
C THR A 273 11.10 -11.00 17.44
N ASP A 274 10.69 -10.54 18.61
CA ASP A 274 9.43 -10.87 19.21
C ASP A 274 8.40 -9.81 18.78
N PRO A 275 7.38 -10.21 18.01
CA PRO A 275 6.31 -9.30 17.58
C PRO A 275 5.81 -8.35 18.64
N LEU A 276 5.64 -8.88 19.86
CA LEU A 276 5.09 -8.11 20.98
C LEU A 276 5.98 -6.95 21.42
N ASP A 277 7.29 -7.02 21.17
CA ASP A 277 8.20 -5.89 21.49
C ASP A 277 8.12 -4.73 20.46
N ARG A 278 7.66 -5.03 19.24
CA ARG A 278 7.53 -3.99 18.18
C ARG A 278 6.46 -2.96 18.55
N PRO A 279 6.71 -1.67 18.27
CA PRO A 279 5.66 -0.70 18.57
C PRO A 279 4.43 -0.87 17.68
N THR A 280 3.31 -0.31 18.13
CA THR A 280 2.14 -0.17 17.28
C THR A 280 2.36 0.98 16.28
N PHE A 281 1.50 1.01 15.26
CA PHE A 281 1.53 2.08 14.29
C PHE A 281 1.19 3.42 14.90
N SER A 282 0.34 3.44 15.92
CA SER A 282 0.01 4.71 16.55
C SER A 282 1.26 5.29 17.25
N VAL A 283 2.06 4.41 17.85
CA VAL A 283 3.28 4.80 18.54
C VAL A 283 4.35 5.26 17.54
N LEU A 284 4.55 4.45 16.52
CA LEU A 284 5.46 4.82 15.41
C LEU A 284 5.08 6.14 14.80
N ARG A 285 3.80 6.33 14.53
CA ARG A 285 3.37 7.54 13.90
C ARG A 285 3.74 8.77 14.73
N LEU A 286 3.58 8.69 16.05
CA LEU A 286 3.89 9.84 16.88
C LEU A 286 5.39 10.07 16.98
N GLN A 287 6.17 8.99 17.10
CA GLN A 287 7.62 9.10 17.02
C GLN A 287 8.08 9.82 15.75
N LEU A 288 7.55 9.41 14.61
CA LEU A 288 7.91 10.01 13.32
C LEU A 288 7.48 11.48 13.22
N GLU A 289 6.25 11.77 13.63
CA GLU A 289 5.80 13.16 13.70
C GLU A 289 6.67 14.06 14.58
N ARG A 290 7.12 13.53 15.72
CA ARG A 290 7.97 14.28 16.63
C ARG A 290 9.31 14.59 15.95
N LEU A 291 9.94 13.56 15.40
CA LEU A 291 11.19 13.72 14.64
C LEU A 291 11.08 14.78 13.53
N LEU A 292 10.01 14.70 12.75
CA LEU A 292 9.76 15.68 11.69
C LEU A 292 9.64 17.12 12.22
N GLU A 293 8.88 17.27 13.30
CA GLU A 293 8.72 18.54 13.98
C GLU A 293 10.06 19.16 14.35
N SER A 294 11.00 18.33 14.82
CA SER A 294 12.30 18.79 15.28
C SER A 294 13.24 19.33 14.18
N LEU A 295 12.98 19.00 12.92
CA LEU A 295 13.85 19.41 11.81
C LEU A 295 13.57 20.84 11.37
N PRO A 296 14.61 21.58 10.90
CA PRO A 296 14.46 23.00 10.61
C PRO A 296 14.22 23.30 9.13
#